data_5VT9
#
_entry.id   5VT9
#
_cell.length_a   40.990
_cell.length_b   64.390
_cell.length_c   65.150
_cell.angle_alpha   90.00
_cell.angle_beta   97.72
_cell.angle_gamma   90.00
#
_symmetry.space_group_name_H-M   'P 1 21 1'
#
loop_
_entity.id
_entity.type
_entity.pdbx_description
1 polymer 'Myosin light chain TgMLC1'
2 polymer Myosin-A
3 water water
#
loop_
_entity_poly.entity_id
_entity_poly.type
_entity_poly.pdbx_seq_one_letter_code
_entity_poly.pdbx_strand_id
1 'polypeptide(L)'
;GSMGADEDMQEALEEMVEADEMYARFNARASGGKVSTGDAMILARQLGLAPSYADKQAFEEKSGDNLDYASFQKFVGTST
HPEDNIEDLVEAFAYFDVSKHGYLTRKQMGNILMTYGEPLTTEEFNALAAEYFTSDQIDYRQFCKAMLEAAA
;
A,B
2 'polypeptide(L)' GASKKTPFIIRAQAHIRRHLVDNNVSPATVQPAFAAA C,D
#
# COMPACT_ATOMS: atom_id res chain seq x y z
N MET A 16 -0.23 -9.95 23.07
CA MET A 16 -1.02 -9.53 21.93
C MET A 16 -1.04 -8.01 21.83
N VAL A 17 -1.42 -7.52 20.66
CA VAL A 17 -1.52 -6.08 20.40
C VAL A 17 -2.65 -5.45 21.21
N GLU A 18 -2.88 -4.16 21.03
CA GLU A 18 -3.99 -3.50 21.70
C GLU A 18 -5.30 -3.75 20.96
N ALA A 19 -6.21 -4.46 21.64
CA ALA A 19 -7.41 -4.99 20.98
C ALA A 19 -8.33 -3.92 20.37
N ASP A 20 -8.58 -2.81 21.05
CA ASP A 20 -9.52 -1.84 20.49
C ASP A 20 -8.88 -1.10 19.31
N GLU A 21 -7.55 -0.97 19.32
CA GLU A 21 -6.85 -0.40 18.16
C GLU A 21 -6.93 -1.36 16.97
N MET A 22 -6.79 -2.65 17.24
CA MET A 22 -6.89 -3.66 16.19
C MET A 22 -8.27 -3.61 15.53
N TYR A 23 -9.30 -3.49 16.36
CA TYR A 23 -10.68 -3.43 15.89
C TYR A 23 -10.92 -2.16 15.09
N ALA A 24 -10.43 -1.03 15.60
CA ALA A 24 -10.61 0.27 14.95
C ALA A 24 -9.94 0.33 13.58
N ARG A 25 -8.73 -0.20 13.49
CA ARG A 25 -7.98 -0.14 12.24
C ARG A 25 -8.59 -1.09 11.21
N PHE A 26 -8.98 -2.28 11.65
CA PHE A 26 -9.66 -3.22 10.77
C PHE A 26 -10.94 -2.61 10.20
N ASN A 27 -11.76 -2.03 11.07
CA ASN A 27 -13.05 -1.51 10.62
C ASN A 27 -12.87 -0.35 9.65
N ALA A 28 -11.83 0.45 9.85
CA ALA A 28 -11.58 1.59 8.99
C ALA A 28 -11.02 1.17 7.63
N ARG A 29 -10.35 0.01 7.58
CA ARG A 29 -9.72 -0.46 6.34
C ARG A 29 -10.65 -1.41 5.59
N ALA A 30 -11.64 -1.95 6.30
CA ALA A 30 -12.48 -3.01 5.76
C ALA A 30 -13.45 -2.51 4.69
N SER A 31 -13.78 -3.41 3.79
CA SER A 31 -14.79 -3.19 2.76
C SER A 31 -15.65 -4.44 2.75
N GLY A 32 -16.94 -4.28 3.01
CA GLY A 32 -17.80 -5.45 3.13
C GLY A 32 -17.38 -6.31 4.31
N GLY A 33 -16.78 -5.69 5.32
CA GLY A 33 -16.41 -6.39 6.53
C GLY A 33 -15.20 -7.28 6.38
N LYS A 34 -14.41 -7.08 5.32
CA LYS A 34 -13.21 -7.88 5.11
C LYS A 34 -12.03 -7.01 4.69
N VAL A 35 -10.82 -7.49 4.96
CA VAL A 35 -9.61 -6.86 4.45
C VAL A 35 -8.76 -7.92 3.79
N SER A 36 -8.02 -7.52 2.76
CA SER A 36 -7.10 -8.44 2.10
C SER A 36 -5.91 -8.74 3.00
N THR A 37 -5.20 -9.81 2.69
CA THR A 37 -4.02 -10.16 3.47
C THR A 37 -2.94 -9.11 3.25
N GLY A 38 -2.98 -8.45 2.09
CA GLY A 38 -2.06 -7.36 1.81
C GLY A 38 -2.28 -6.21 2.79
N ASP A 39 -3.54 -5.87 3.03
CA ASP A 39 -3.87 -4.86 4.02
C ASP A 39 -3.64 -5.38 5.43
N ALA A 40 -3.87 -6.67 5.65
CA ALA A 40 -3.63 -7.26 6.96
C ALA A 40 -2.17 -7.06 7.35
N MET A 41 -1.27 -7.16 6.37
CA MET A 41 0.16 -6.93 6.60
C MET A 41 0.45 -5.52 7.07
N ILE A 42 -0.15 -4.54 6.39
CA ILE A 42 0.00 -3.15 6.78
C ILE A 42 -0.55 -2.87 8.17
N LEU A 43 -1.79 -3.30 8.44
CA LEU A 43 -2.40 -3.06 9.75
C LEU A 43 -1.59 -3.70 10.87
N ALA A 44 -1.11 -4.91 10.64
CA ALA A 44 -0.28 -5.59 11.64
C ALA A 44 0.95 -4.75 11.99
N ARG A 45 1.57 -4.16 10.98
CA ARG A 45 2.72 -3.29 11.19
C ARG A 45 2.32 -2.06 11.99
N GLN A 46 1.17 -1.50 11.64
CA GLN A 46 0.70 -0.31 12.33
C GLN A 46 0.41 -0.63 13.79
N LEU A 47 -0.01 -1.86 14.04
CA LEU A 47 -0.32 -2.32 15.39
C LEU A 47 0.95 -2.63 16.19
N GLY A 48 2.10 -2.59 15.53
CA GLY A 48 3.38 -2.79 16.19
C GLY A 48 4.02 -4.15 15.98
N LEU A 49 3.53 -4.93 15.01
CA LEU A 49 4.12 -6.23 14.71
C LEU A 49 4.97 -6.21 13.45
N ALA A 50 5.75 -7.28 13.28
CA ALA A 50 6.65 -7.43 12.14
C ALA A 50 6.40 -8.75 11.42
N PRO A 51 5.23 -8.87 10.76
CA PRO A 51 4.99 -10.04 9.90
C PRO A 51 5.96 -10.10 8.75
N SER A 52 6.39 -11.30 8.39
CA SER A 52 7.20 -11.52 7.19
C SER A 52 6.26 -11.81 6.02
N TYR A 53 6.76 -11.69 4.80
CA TYR A 53 5.99 -12.09 3.63
C TYR A 53 5.71 -13.59 3.66
N ALA A 54 6.61 -14.35 4.28
CA ALA A 54 6.38 -15.79 4.44
C ALA A 54 5.16 -16.03 5.33
N ASP A 55 4.98 -15.18 6.35
CA ASP A 55 3.81 -15.26 7.22
C ASP A 55 2.54 -15.02 6.42
N LYS A 56 2.62 -14.07 5.49
CA LYS A 56 1.50 -13.72 4.62
C LYS A 56 1.14 -14.89 3.72
N GLN A 57 2.14 -15.49 3.10
CA GLN A 57 1.91 -16.60 2.19
C GLN A 57 1.38 -17.81 2.94
N ALA A 58 1.94 -18.06 4.12
CA ALA A 58 1.53 -19.19 4.95
C ALA A 58 0.06 -19.07 5.29
N PHE A 59 -0.34 -17.87 5.70
CA PHE A 59 -1.71 -17.63 6.09
C PHE A 59 -2.69 -17.70 4.92
N GLU A 60 -2.26 -17.22 3.76
CA GLU A 60 -3.09 -17.28 2.57
C GLU A 60 -3.35 -18.73 2.17
N GLU A 61 -2.34 -19.58 2.29
CA GLU A 61 -2.51 -20.99 1.95
C GLU A 61 -3.43 -21.68 2.95
N LYS A 62 -3.42 -21.17 4.18
CA LYS A 62 -4.26 -21.70 5.25
C LYS A 62 -5.70 -21.17 5.21
N SER A 63 -5.87 -19.86 4.99
CA SER A 63 -7.16 -19.20 5.22
C SER A 63 -7.61 -18.24 4.11
N GLY A 64 -6.92 -18.22 2.98
CA GLY A 64 -7.32 -17.37 1.88
C GLY A 64 -6.78 -15.96 2.01
N ASP A 65 -7.12 -15.09 1.06
CA ASP A 65 -6.55 -13.76 1.04
C ASP A 65 -7.58 -12.67 1.34
N ASN A 66 -8.75 -13.07 1.83
CA ASN A 66 -9.78 -12.11 2.26
C ASN A 66 -10.34 -12.45 3.65
N LEU A 67 -10.00 -11.60 4.62
CA LEU A 67 -10.19 -11.91 6.03
C LEU A 67 -11.33 -11.13 6.68
N ASP A 68 -12.24 -11.83 7.35
CA ASP A 68 -13.16 -11.17 8.26
C ASP A 68 -12.39 -10.86 9.53
N TYR A 69 -13.02 -10.23 10.50
CA TYR A 69 -12.26 -9.74 11.65
C TYR A 69 -11.65 -10.88 12.47
N ALA A 70 -12.37 -11.98 12.58
CA ALA A 70 -11.88 -13.14 13.32
C ALA A 70 -10.59 -13.69 12.70
N SER A 71 -10.57 -13.80 11.38
CA SER A 71 -9.41 -14.30 10.68
C SER A 71 -8.28 -13.29 10.71
N PHE A 72 -8.61 -12.00 10.67
CA PHE A 72 -7.61 -10.95 10.82
C PHE A 72 -6.92 -11.07 12.19
N GLN A 73 -7.71 -11.25 13.24
CA GLN A 73 -7.15 -11.44 14.58
C GLN A 73 -6.18 -12.61 14.61
N LYS A 74 -6.52 -13.67 13.89
CA LYS A 74 -5.69 -14.87 13.88
C LYS A 74 -4.39 -14.58 13.13
N PHE A 75 -4.47 -13.81 12.05
CA PHE A 75 -3.27 -13.48 11.28
C PHE A 75 -2.34 -12.63 12.11
N VAL A 76 -2.89 -11.63 12.79
CA VAL A 76 -2.11 -10.79 13.68
C VAL A 76 -1.41 -11.68 14.73
N GLY A 77 -2.15 -12.67 15.22
CA GLY A 77 -1.58 -13.68 16.11
C GLY A 77 -0.32 -14.36 15.59
N THR A 78 -0.37 -14.86 14.35
CA THR A 78 0.78 -15.56 13.77
C THR A 78 1.94 -14.63 13.48
N SER A 79 1.73 -13.33 13.65
CA SER A 79 2.72 -12.32 13.29
C SER A 79 3.46 -11.78 14.52
N THR A 80 3.15 -12.30 15.71
CA THR A 80 3.71 -11.76 16.94
C THR A 80 5.20 -12.08 17.13
N HIS A 81 5.62 -13.25 16.64
CA HIS A 81 7.01 -13.69 16.74
C HIS A 81 7.68 -13.38 18.08
N PRO A 82 7.12 -13.91 19.18
CA PRO A 82 7.71 -13.69 20.50
C PRO A 82 9.15 -14.19 20.61
N GLU A 83 9.56 -15.04 19.68
CA GLU A 83 10.91 -15.60 19.69
C GLU A 83 11.98 -14.60 19.23
N ASP A 84 11.56 -13.47 18.65
CA ASP A 84 12.50 -12.43 18.24
C ASP A 84 13.42 -12.04 19.39
N ASN A 85 14.72 -12.01 19.10
CA ASN A 85 15.73 -11.75 20.11
C ASN A 85 16.88 -10.94 19.51
N ILE A 86 17.33 -9.91 20.21
CA ILE A 86 18.35 -9.04 19.66
C ILE A 86 19.60 -9.82 19.27
N GLU A 87 19.96 -10.84 20.04
CA GLU A 87 21.21 -11.55 19.77
C GLU A 87 21.14 -12.33 18.47
N ASP A 88 20.00 -12.94 18.18
CA ASP A 88 19.83 -13.62 16.91
C ASP A 88 19.97 -12.65 15.72
N LEU A 89 19.41 -11.44 15.85
CA LEU A 89 19.52 -10.46 14.75
C LEU A 89 20.95 -9.93 14.63
N VAL A 90 21.54 -9.52 15.75
CA VAL A 90 22.89 -8.97 15.73
C VAL A 90 23.87 -9.96 15.12
N GLU A 91 23.73 -11.24 15.46
CA GLU A 91 24.67 -12.25 15.01
C GLU A 91 24.45 -12.63 13.54
N ALA A 92 23.25 -12.35 13.04
CA ALA A 92 22.97 -12.56 11.62
C ALA A 92 23.78 -11.57 10.78
N PHE A 93 23.86 -10.34 11.26
CA PHE A 93 24.66 -9.32 10.62
C PHE A 93 26.16 -9.54 10.83
N ALA A 94 26.51 -10.00 12.02
CA ALA A 94 27.91 -10.26 12.38
C ALA A 94 28.54 -11.28 11.43
N TYR A 95 27.73 -12.23 10.97
CA TYR A 95 28.18 -13.24 10.02
C TYR A 95 28.85 -12.64 8.79
N PHE A 96 28.34 -11.48 8.36
CA PHE A 96 28.87 -10.78 7.20
C PHE A 96 29.97 -9.79 7.56
N ASP A 97 30.17 -9.59 8.87
CA ASP A 97 31.26 -8.75 9.34
C ASP A 97 32.55 -9.56 9.21
N VAL A 98 32.98 -9.72 7.96
CA VAL A 98 34.13 -10.56 7.60
C VAL A 98 35.37 -10.27 8.46
N SER A 99 35.73 -8.99 8.56
CA SER A 99 36.92 -8.58 9.29
C SER A 99 36.64 -8.23 10.75
N LYS A 100 35.45 -8.59 11.24
CA LYS A 100 35.08 -8.39 12.64
C LYS A 100 35.35 -6.98 13.14
N HIS A 101 34.86 -5.98 12.41
CA HIS A 101 35.02 -4.59 12.81
C HIS A 101 34.02 -4.16 13.89
N GLY A 102 32.90 -4.87 13.98
CA GLY A 102 31.81 -4.45 14.84
C GLY A 102 30.84 -3.49 14.15
N TYR A 103 31.15 -3.15 12.90
CA TYR A 103 30.26 -2.32 12.09
C TYR A 103 30.21 -2.86 10.66
N LEU A 104 29.22 -2.41 9.90
CA LEU A 104 29.13 -2.70 8.47
C LEU A 104 29.03 -1.40 7.69
N THR A 105 29.65 -1.37 6.51
CA THR A 105 29.54 -0.22 5.62
C THR A 105 28.15 -0.17 5.01
N ARG A 106 27.81 0.99 4.44
CA ARG A 106 26.54 1.15 3.74
C ARG A 106 26.41 0.12 2.63
N LYS A 107 27.49 -0.06 1.87
CA LYS A 107 27.55 -1.12 0.87
C LYS A 107 27.20 -2.49 1.43
N GLN A 108 27.87 -2.86 2.52
CA GLN A 108 27.65 -4.16 3.12
C GLN A 108 26.20 -4.29 3.59
N MET A 109 25.68 -3.26 4.25
CA MET A 109 24.29 -3.30 4.74
C MET A 109 23.32 -3.44 3.58
N GLY A 110 23.53 -2.60 2.56
CA GLY A 110 22.76 -2.66 1.34
C GLY A 110 22.79 -4.02 0.67
N ASN A 111 23.98 -4.60 0.52
CA ASN A 111 24.08 -5.89 -0.15
C ASN A 111 23.36 -6.99 0.63
N ILE A 112 23.46 -6.95 1.95
CA ILE A 112 22.81 -7.96 2.78
C ILE A 112 21.30 -7.80 2.64
N LEU A 113 20.82 -6.59 2.85
CA LEU A 113 19.38 -6.33 2.97
C LEU A 113 18.65 -6.38 1.64
N MET A 114 19.36 -6.18 0.54
CA MET A 114 18.75 -6.21 -0.80
C MET A 114 19.04 -7.46 -1.60
N THR A 115 19.78 -8.40 -1.01
CA THR A 115 20.12 -9.64 -1.71
C THR A 115 19.53 -10.86 -1.01
N TYR A 116 19.60 -10.87 0.32
CA TYR A 116 19.22 -12.05 1.11
C TYR A 116 17.83 -11.95 1.71
N GLY A 117 17.27 -13.10 2.09
CA GLY A 117 16.02 -13.16 2.84
C GLY A 117 14.80 -12.80 2.04
N GLU A 118 14.11 -11.75 2.48
CA GLU A 118 13.03 -11.12 1.75
C GLU A 118 13.53 -9.72 1.38
N PRO A 119 14.30 -9.62 0.28
CA PRO A 119 15.08 -8.41 -0.03
C PRO A 119 14.30 -7.11 -0.07
N LEU A 120 14.92 -6.07 0.48
CA LEU A 120 14.35 -4.74 0.40
C LEU A 120 14.42 -4.28 -1.03
N THR A 121 13.39 -3.53 -1.46
CA THR A 121 13.44 -2.82 -2.73
C THR A 121 14.34 -1.60 -2.58
N THR A 122 14.73 -0.96 -3.68
CA THR A 122 15.61 0.19 -3.54
C THR A 122 14.83 1.33 -2.87
N GLU A 123 13.53 1.39 -3.11
CA GLU A 123 12.65 2.33 -2.40
C GLU A 123 12.74 2.14 -0.89
N GLU A 124 12.60 0.90 -0.45
CA GLU A 124 12.66 0.58 0.97
C GLU A 124 14.03 0.88 1.55
N PHE A 125 15.06 0.42 0.85
CA PHE A 125 16.41 0.63 1.36
C PHE A 125 16.78 2.11 1.42
N ASN A 126 16.41 2.88 0.40
CA ASN A 126 16.72 4.31 0.39
C ASN A 126 16.05 5.04 1.55
N ALA A 127 14.81 4.69 1.86
CA ALA A 127 14.12 5.26 3.01
C ALA A 127 14.81 4.87 4.31
N LEU A 128 15.13 3.58 4.44
CA LEU A 128 15.79 3.07 5.61
C LEU A 128 17.10 3.81 5.88
N ALA A 129 17.91 3.92 4.84
CA ALA A 129 19.21 4.55 4.93
C ALA A 129 19.10 6.03 5.32
N ALA A 130 18.11 6.72 4.76
CA ALA A 130 17.90 8.13 5.05
C ALA A 130 17.69 8.36 6.54
N GLU A 131 16.69 7.70 7.14
CA GLU A 131 16.43 7.88 8.57
C GLU A 131 17.50 7.23 9.45
N TYR A 132 17.66 5.91 9.32
CA TYR A 132 18.36 5.14 10.34
C TYR A 132 19.88 4.99 10.17
N PHE A 133 20.41 5.15 8.95
CA PHE A 133 21.85 5.06 8.76
C PHE A 133 22.48 6.43 8.95
N THR A 134 23.75 6.43 9.37
CA THR A 134 24.42 7.65 9.79
C THR A 134 25.78 7.83 9.10
N SER A 135 26.30 6.78 8.48
CA SER A 135 27.65 6.82 7.92
C SER A 135 28.03 5.57 7.13
N ASP A 136 29.34 5.38 6.94
CA ASP A 136 29.89 4.17 6.36
C ASP A 136 30.40 3.23 7.46
N GLN A 137 30.00 3.51 8.70
CA GLN A 137 30.27 2.62 9.83
C GLN A 137 28.97 2.40 10.61
N ILE A 138 28.07 1.60 10.05
CA ILE A 138 26.80 1.33 10.71
C ILE A 138 27.01 0.31 11.83
N ASP A 139 26.81 0.77 13.07
CA ASP A 139 26.83 -0.12 14.23
C ASP A 139 25.60 -1.01 14.15
N TYR A 140 25.75 -2.25 13.69
CA TYR A 140 24.57 -3.08 13.46
C TYR A 140 23.93 -3.55 14.75
N ARG A 141 24.68 -3.62 15.84
CA ARG A 141 24.06 -3.89 17.14
C ARG A 141 23.02 -2.83 17.48
N GLN A 142 23.43 -1.57 17.44
CA GLN A 142 22.53 -0.47 17.76
C GLN A 142 21.42 -0.33 16.74
N PHE A 143 21.70 -0.73 15.50
CA PHE A 143 20.69 -0.67 14.45
C PHE A 143 19.62 -1.72 14.74
N CYS A 144 20.04 -2.93 15.08
CA CYS A 144 19.10 -4.01 15.39
C CYS A 144 18.27 -3.70 16.65
N LYS A 145 18.90 -3.08 17.64
CA LYS A 145 18.17 -2.58 18.81
C LYS A 145 17.04 -1.64 18.39
N ALA A 146 17.35 -0.68 17.53
CA ALA A 146 16.37 0.27 17.05
C ALA A 146 15.24 -0.41 16.29
N MET A 147 15.58 -1.39 15.45
CA MET A 147 14.60 -2.09 14.65
C MET A 147 13.66 -2.92 15.51
N LEU A 148 14.17 -3.50 16.59
CA LEU A 148 13.32 -4.29 17.48
C LEU A 148 12.46 -3.40 18.39
N GLU A 149 12.86 -2.14 18.55
CA GLU A 149 12.10 -1.20 19.38
C GLU A 149 10.70 -0.99 18.82
N LYS B 4 21.92 -20.56 7.92
CA LYS B 4 20.99 -20.54 9.04
C LYS B 4 20.74 -19.13 9.56
N LYS B 5 21.35 -18.16 8.90
CA LYS B 5 21.24 -16.77 9.32
C LYS B 5 20.08 -16.10 8.59
N THR B 6 19.65 -16.71 7.50
CA THR B 6 18.64 -16.11 6.63
C THR B 6 17.31 -15.89 7.35
N PRO B 7 16.88 -16.85 8.18
CA PRO B 7 15.61 -16.61 8.89
C PRO B 7 15.64 -15.34 9.74
N PHE B 8 16.80 -15.01 10.31
CA PHE B 8 16.94 -13.83 11.13
C PHE B 8 17.16 -12.56 10.31
N ILE B 9 17.68 -12.71 9.08
CA ILE B 9 17.75 -11.56 8.18
C ILE B 9 16.33 -11.18 7.82
N ILE B 10 15.48 -12.17 7.60
CA ILE B 10 14.07 -11.94 7.30
C ILE B 10 13.36 -11.24 8.47
N ARG B 11 13.63 -11.67 9.70
CA ARG B 11 13.08 -10.98 10.86
C ARG B 11 13.55 -9.52 10.90
N ALA B 12 14.82 -9.28 10.60
CA ALA B 12 15.35 -7.92 10.55
C ALA B 12 14.62 -7.09 9.49
N GLN B 13 14.42 -7.70 8.33
CA GLN B 13 13.72 -7.05 7.22
C GLN B 13 12.25 -6.78 7.57
N ALA B 14 11.64 -7.69 8.32
CA ALA B 14 10.24 -7.51 8.75
C ALA B 14 10.11 -6.34 9.73
N HIS B 15 11.08 -6.22 10.63
CA HIS B 15 11.08 -5.12 11.59
C HIS B 15 11.43 -3.79 10.94
N ILE B 16 12.34 -3.82 9.98
CA ILE B 16 12.58 -2.66 9.12
C ILE B 16 11.25 -2.19 8.50
N ARG B 17 10.51 -3.12 7.90
CA ARG B 17 9.27 -2.78 7.22
C ARG B 17 8.21 -2.27 8.19
N ARG B 18 8.21 -2.81 9.40
CA ARG B 18 7.34 -2.30 10.45
C ARG B 18 7.63 -0.80 10.70
N HIS B 19 8.91 -0.42 10.74
CA HIS B 19 9.27 0.98 10.99
C HIS B 19 9.13 1.89 9.76
N LEU B 20 8.96 1.31 8.58
CA LEU B 20 8.74 2.08 7.37
C LEU B 20 7.25 2.14 6.98
N VAL B 21 6.36 1.67 7.86
CA VAL B 21 4.96 1.49 7.50
C VAL B 21 4.32 2.82 7.09
N ASP B 22 4.73 3.92 7.71
CA ASP B 22 4.16 5.23 7.35
C ASP B 22 4.81 5.84 6.11
N ASN B 23 5.87 5.21 5.60
CA ASN B 23 6.62 5.77 4.48
C ASN B 23 6.02 5.45 3.12
N ASN B 24 5.04 4.54 3.10
CA ASN B 24 4.39 4.13 1.85
C ASN B 24 5.38 3.64 0.80
N VAL B 25 6.26 2.72 1.18
CA VAL B 25 7.31 2.24 0.27
C VAL B 25 7.29 0.73 0.06
N SER B 26 6.74 -0.01 1.01
CA SER B 26 6.87 -1.46 0.99
C SER B 26 5.89 -2.10 0.02
N PRO B 27 6.37 -3.05 -0.80
CA PRO B 27 5.50 -3.75 -1.75
C PRO B 27 4.58 -4.76 -1.07
N ALA B 28 3.60 -5.25 -1.82
CA ALA B 28 2.65 -6.22 -1.28
C ALA B 28 3.26 -7.62 -1.32
N THR B 29 4.21 -7.82 -2.22
CA THR B 29 4.84 -9.12 -2.40
C THR B 29 6.33 -8.93 -2.64
N VAL B 30 7.11 -9.90 -2.18
CA VAL B 30 8.56 -9.86 -2.28
C VAL B 30 9.01 -11.24 -2.76
N GLN B 31 9.92 -11.28 -3.73
CA GLN B 31 10.46 -12.55 -4.21
C GLN B 31 11.61 -12.96 -3.29
N PRO B 32 11.41 -14.01 -2.48
CA PRO B 32 12.46 -14.32 -1.49
C PRO B 32 13.73 -14.88 -2.12
N ALA B 33 14.83 -14.85 -1.35
CA ALA B 33 16.16 -15.24 -1.83
C ALA B 33 16.80 -16.29 -0.91
N ALA C 12 -3.73 7.14 -25.29
CA ALA C 12 -3.91 7.93 -24.08
C ALA C 12 -2.72 7.75 -23.14
N LEU C 13 -2.07 6.60 -23.24
CA LEU C 13 -0.87 6.32 -22.47
C LEU C 13 0.24 7.27 -22.90
N GLU C 14 0.38 7.40 -24.23
CA GLU C 14 1.38 8.28 -24.82
C GLU C 14 1.31 9.69 -24.21
N GLU C 15 0.09 10.17 -24.05
CA GLU C 15 -0.15 11.53 -23.54
C GLU C 15 -0.09 11.64 -22.03
N MET C 16 -0.69 10.68 -21.33
CA MET C 16 -0.93 10.82 -19.89
C MET C 16 0.29 10.45 -19.03
N VAL C 17 1.00 9.40 -19.43
CA VAL C 17 2.08 8.87 -18.59
C VAL C 17 3.46 9.13 -19.18
N GLU C 18 4.36 9.63 -18.34
CA GLU C 18 5.75 9.85 -18.71
C GLU C 18 6.52 8.53 -18.61
N ALA C 19 7.07 8.09 -19.74
CA ALA C 19 7.65 6.76 -19.83
C ALA C 19 8.80 6.53 -18.85
N ASP C 20 9.67 7.50 -18.61
CA ASP C 20 10.81 7.23 -17.75
C ASP C 20 10.42 7.34 -16.27
N GLU C 21 9.32 8.03 -15.98
CA GLU C 21 8.77 8.03 -14.62
C GLU C 21 8.19 6.65 -14.33
N MET C 22 7.47 6.11 -15.30
CA MET C 22 6.90 4.77 -15.21
C MET C 22 7.99 3.72 -14.96
N TYR C 23 9.05 3.77 -15.77
CA TYR C 23 10.18 2.87 -15.63
C TYR C 23 10.85 3.00 -14.27
N ALA C 24 11.11 4.23 -13.85
CA ALA C 24 11.76 4.46 -12.56
C ALA C 24 10.90 4.00 -11.39
N ARG C 25 9.63 4.36 -11.39
CA ARG C 25 8.75 3.96 -10.30
C ARG C 25 8.62 2.43 -10.23
N PHE C 26 8.47 1.77 -11.38
CA PHE C 26 8.41 0.32 -11.43
C PHE C 26 9.66 -0.31 -10.82
N ASN C 27 10.83 0.11 -11.30
CA ASN C 27 12.08 -0.49 -10.86
C ASN C 27 12.33 -0.31 -9.38
N ALA C 28 11.87 0.81 -8.83
CA ALA C 28 12.09 1.11 -7.42
C ALA C 28 11.17 0.29 -6.52
N ARG C 29 10.02 -0.13 -7.07
CA ARG C 29 9.02 -0.88 -6.33
C ARG C 29 9.15 -2.39 -6.58
N ALA C 30 9.88 -2.75 -7.63
CA ALA C 30 9.90 -4.14 -8.11
C ALA C 30 10.73 -5.04 -7.23
N SER C 31 10.38 -6.32 -7.28
CA SER C 31 11.09 -7.36 -6.57
C SER C 31 11.18 -8.58 -7.49
N GLY C 32 12.40 -8.99 -7.82
CA GLY C 32 12.57 -10.07 -8.78
C GLY C 32 12.01 -9.65 -10.12
N GLY C 33 12.01 -8.34 -10.38
CA GLY C 33 11.63 -7.79 -11.66
C GLY C 33 10.14 -7.65 -11.86
N LYS C 34 9.36 -7.83 -10.79
CA LYS C 34 7.91 -7.80 -10.88
C LYS C 34 7.30 -6.93 -9.80
N VAL C 35 6.10 -6.40 -10.08
CA VAL C 35 5.29 -5.77 -9.05
C VAL C 35 3.96 -6.47 -8.97
N SER C 36 3.39 -6.54 -7.78
CA SER C 36 2.06 -7.11 -7.61
C SER C 36 1.04 -6.19 -8.27
N THR C 37 -0.13 -6.74 -8.58
CA THR C 37 -1.20 -5.94 -9.15
C THR C 37 -1.66 -4.88 -8.13
N GLY C 38 -1.51 -5.19 -6.84
CA GLY C 38 -1.80 -4.21 -5.80
C GLY C 38 -0.87 -3.02 -5.89
N ASP C 39 0.41 -3.28 -6.10
CA ASP C 39 1.37 -2.20 -6.26
C ASP C 39 1.19 -1.50 -7.60
N ALA C 40 0.78 -2.24 -8.62
CA ALA C 40 0.57 -1.66 -9.95
C ALA C 40 -0.50 -0.59 -9.89
N MET C 41 -1.49 -0.85 -9.06
CA MET C 41 -2.56 0.08 -8.80
C MET C 41 -2.03 1.38 -8.21
N ILE C 42 -1.20 1.24 -7.19
CA ILE C 42 -0.58 2.39 -6.52
C ILE C 42 0.31 3.17 -7.49
N LEU C 43 1.15 2.45 -8.23
CA LEU C 43 2.05 3.07 -9.19
C LEU C 43 1.30 3.82 -10.28
N ALA C 44 0.24 3.20 -10.78
CA ALA C 44 -0.57 3.84 -11.82
C ALA C 44 -1.14 5.16 -11.30
N ARG C 45 -1.58 5.17 -10.04
CA ARG C 45 -2.07 6.38 -9.40
C ARG C 45 -0.97 7.42 -9.29
N GLN C 46 0.22 7.00 -8.86
CA GLN C 46 1.34 7.92 -8.72
C GLN C 46 1.73 8.52 -10.07
N LEU C 47 1.46 7.78 -11.14
CA LEU C 47 1.79 8.24 -12.49
C LEU C 47 0.71 9.13 -13.11
N GLY C 48 -0.36 9.36 -12.37
CA GLY C 48 -1.42 10.28 -12.78
C GLY C 48 -2.67 9.64 -13.35
N LEU C 49 -2.82 8.33 -13.14
CA LEU C 49 -3.99 7.62 -13.64
C LEU C 49 -4.94 7.21 -12.51
N ALA C 50 -6.13 6.77 -12.90
CA ALA C 50 -7.19 6.46 -11.95
C ALA C 50 -7.81 5.11 -12.28
N PRO C 51 -7.04 4.02 -12.07
CA PRO C 51 -7.57 2.66 -12.24
C PRO C 51 -8.70 2.39 -11.28
N SER C 52 -9.69 1.61 -11.71
CA SER C 52 -10.73 1.09 -10.84
C SER C 52 -10.30 -0.28 -10.31
N TYR C 53 -10.95 -0.74 -9.24
CA TYR C 53 -10.67 -2.07 -8.72
C TYR C 53 -11.16 -3.11 -9.72
N ALA C 54 -12.12 -2.73 -10.55
CA ALA C 54 -12.57 -3.60 -11.63
C ALA C 54 -11.46 -3.77 -12.66
N ASP C 55 -10.70 -2.71 -12.91
CA ASP C 55 -9.55 -2.80 -13.81
C ASP C 55 -8.55 -3.80 -13.27
N LYS C 56 -8.32 -3.76 -11.96
CA LYS C 56 -7.39 -4.68 -11.31
C LYS C 56 -7.86 -6.12 -11.44
N GLN C 57 -9.12 -6.35 -11.09
CA GLN C 57 -9.70 -7.68 -11.18
C GLN C 57 -9.68 -8.22 -12.61
N ALA C 58 -10.04 -7.38 -13.58
CA ALA C 58 -9.99 -7.78 -14.99
C ALA C 58 -8.59 -8.17 -15.43
N PHE C 59 -7.59 -7.40 -15.00
CA PHE C 59 -6.22 -7.67 -15.43
C PHE C 59 -5.71 -8.95 -14.79
N GLU C 60 -5.98 -9.14 -13.51
CA GLU C 60 -5.61 -10.37 -12.82
C GLU C 60 -6.22 -11.60 -13.48
N GLU C 61 -7.47 -11.47 -13.94
CA GLU C 61 -8.16 -12.61 -14.54
C GLU C 61 -7.39 -13.08 -15.76
N LYS C 62 -6.89 -12.13 -16.55
CA LYS C 62 -6.09 -12.44 -17.73
C LYS C 62 -4.64 -12.81 -17.43
N SER C 63 -3.98 -12.03 -16.58
CA SER C 63 -2.52 -12.05 -16.52
C SER C 63 -1.92 -12.25 -15.11
N GLY C 64 -2.75 -12.59 -14.13
CA GLY C 64 -2.26 -12.89 -12.80
C GLY C 64 -1.93 -11.67 -11.97
N ASP C 65 -1.32 -11.88 -10.80
CA ASP C 65 -1.15 -10.82 -9.81
C ASP C 65 0.29 -10.36 -9.58
N ASN C 66 1.22 -10.78 -10.45
CA ASN C 66 2.60 -10.31 -10.38
C ASN C 66 3.10 -10.01 -11.78
N LEU C 67 3.33 -8.72 -12.03
CA LEU C 67 3.54 -8.19 -13.37
C LEU C 67 5.00 -7.87 -13.66
N ASP C 68 5.54 -8.39 -14.75
CA ASP C 68 6.85 -7.93 -15.20
C ASP C 68 6.60 -6.58 -15.86
N TYR C 69 7.65 -5.91 -16.33
CA TYR C 69 7.48 -4.53 -16.77
C TYR C 69 6.59 -4.43 -18.02
N ALA C 70 6.65 -5.43 -18.89
CA ALA C 70 5.82 -5.41 -20.10
C ALA C 70 4.35 -5.50 -19.74
N SER C 71 4.05 -6.38 -18.78
CA SER C 71 2.68 -6.59 -18.32
C SER C 71 2.19 -5.37 -17.54
N PHE C 72 3.09 -4.78 -16.75
CA PHE C 72 2.77 -3.55 -16.02
C PHE C 72 2.38 -2.43 -17.00
N GLN C 73 3.14 -2.28 -18.07
CA GLN C 73 2.83 -1.27 -19.08
C GLN C 73 1.42 -1.47 -19.64
N LYS C 74 1.05 -2.72 -19.86
CA LYS C 74 -0.28 -3.00 -20.39
C LYS C 74 -1.35 -2.64 -19.37
N PHE C 75 -1.09 -2.96 -18.10
CA PHE C 75 -2.02 -2.62 -17.05
C PHE C 75 -2.25 -1.11 -17.01
N VAL C 76 -1.15 -0.35 -17.01
CA VAL C 76 -1.21 1.11 -17.02
C VAL C 76 -2.02 1.57 -18.24
N GLY C 77 -1.81 0.90 -19.37
CA GLY C 77 -2.62 1.14 -20.56
C GLY C 77 -4.11 1.01 -20.30
N THR C 78 -4.52 -0.07 -19.65
CA THR C 78 -5.95 -0.30 -19.38
C THR C 78 -6.53 0.67 -18.35
N SER C 79 -5.68 1.46 -17.72
CA SER C 79 -6.09 2.34 -16.64
C SER C 79 -6.29 3.81 -17.06
N THR C 80 -6.14 4.10 -18.35
CA THR C 80 -6.09 5.49 -18.79
C THR C 80 -7.47 6.14 -18.85
N HIS C 81 -8.50 5.33 -19.10
CA HIS C 81 -9.90 5.77 -19.08
C HIS C 81 -10.17 7.07 -19.82
N PRO C 82 -9.90 7.07 -21.13
CA PRO C 82 -10.12 8.26 -21.95
C PRO C 82 -11.58 8.72 -21.98
N GLU C 83 -12.50 7.95 -21.39
CA GLU C 83 -13.90 8.36 -21.34
C GLU C 83 -14.13 9.38 -20.23
N ASP C 84 -13.13 9.59 -19.37
CA ASP C 84 -13.26 10.54 -18.27
C ASP C 84 -13.42 11.96 -18.81
N ASN C 85 -14.42 12.65 -18.30
CA ASN C 85 -14.59 14.06 -18.57
C ASN C 85 -15.32 14.71 -17.41
N ILE C 86 -15.04 15.99 -17.19
CA ILE C 86 -15.57 16.69 -16.03
C ILE C 86 -17.10 16.78 -16.10
N GLU C 87 -17.65 16.88 -17.30
CA GLU C 87 -19.10 16.99 -17.44
C GLU C 87 -19.81 15.75 -16.87
N ASP C 88 -19.29 14.57 -17.19
CA ASP C 88 -19.94 13.34 -16.75
C ASP C 88 -19.73 13.07 -15.25
N LEU C 89 -18.64 13.58 -14.68
CA LEU C 89 -18.44 13.48 -13.23
C LEU C 89 -19.44 14.37 -12.49
N VAL C 90 -19.56 15.62 -12.95
CA VAL C 90 -20.45 16.57 -12.30
C VAL C 90 -21.89 16.08 -12.38
N GLU C 91 -22.28 15.53 -13.53
CA GLU C 91 -23.63 15.01 -13.72
C GLU C 91 -23.96 13.90 -12.72
N ALA C 92 -22.97 13.10 -12.38
CA ALA C 92 -23.16 11.98 -11.46
C ALA C 92 -23.53 12.46 -10.06
N PHE C 93 -22.95 13.58 -9.64
CA PHE C 93 -23.27 14.16 -8.35
C PHE C 93 -24.53 15.01 -8.42
N ALA C 94 -24.83 15.53 -9.61
CA ALA C 94 -26.02 16.36 -9.82
C ALA C 94 -27.31 15.55 -9.66
N TYR C 95 -27.24 14.27 -10.02
CA TYR C 95 -28.40 13.38 -9.94
C TYR C 95 -28.95 13.35 -8.51
N PHE C 96 -28.08 13.53 -7.53
CA PHE C 96 -28.47 13.53 -6.12
C PHE C 96 -28.83 14.93 -5.63
N ASP C 97 -28.69 15.91 -6.52
CA ASP C 97 -29.01 17.30 -6.22
C ASP C 97 -30.43 17.61 -6.66
N VAL C 98 -31.37 17.66 -5.72
CA VAL C 98 -32.77 17.89 -6.09
C VAL C 98 -33.01 19.32 -6.57
N SER C 99 -32.43 20.31 -5.90
CA SER C 99 -32.59 21.70 -6.31
C SER C 99 -31.76 22.02 -7.56
N LYS C 100 -30.84 21.12 -7.89
CA LYS C 100 -29.91 21.33 -9.00
C LYS C 100 -29.21 22.68 -8.88
N HIS C 101 -28.92 23.07 -7.64
CA HIS C 101 -28.24 24.34 -7.35
C HIS C 101 -26.73 24.21 -7.20
N GLY C 102 -26.23 22.97 -7.19
CA GLY C 102 -24.79 22.75 -7.21
C GLY C 102 -24.14 22.41 -5.87
N TYR C 103 -24.94 22.17 -4.84
CA TYR C 103 -24.41 21.84 -3.52
C TYR C 103 -24.93 20.51 -2.97
N LEU C 104 -24.07 19.85 -2.20
CA LEU C 104 -24.41 18.62 -1.50
C LEU C 104 -23.80 18.66 -0.10
N THR C 105 -24.52 18.13 0.89
CA THR C 105 -24.00 18.14 2.25
C THR C 105 -22.94 17.04 2.45
N ARG C 106 -22.16 17.16 3.52
CA ARG C 106 -21.18 16.14 3.88
C ARG C 106 -21.85 14.77 4.08
N LYS C 107 -23.03 14.79 4.68
CA LYS C 107 -23.83 13.58 4.82
C LYS C 107 -24.15 12.98 3.45
N GLN C 108 -24.51 13.85 2.51
CA GLN C 108 -24.90 13.37 1.19
C GLN C 108 -23.70 12.82 0.42
N MET C 109 -22.57 13.52 0.51
CA MET C 109 -21.35 13.10 -0.17
C MET C 109 -20.87 11.76 0.39
N GLY C 110 -20.94 11.63 1.71
CA GLY C 110 -20.55 10.38 2.36
C GLY C 110 -21.40 9.22 1.88
N ASN C 111 -22.72 9.43 1.86
CA ASN C 111 -23.64 8.39 1.44
C ASN C 111 -23.45 7.97 -0.02
N ILE C 112 -23.18 8.93 -0.89
CA ILE C 112 -22.95 8.62 -2.29
C ILE C 112 -21.66 7.78 -2.41
N LEU C 113 -20.61 8.29 -1.79
CA LEU C 113 -19.27 7.74 -2.01
C LEU C 113 -19.02 6.43 -1.26
N MET C 114 -19.77 6.21 -0.18
CA MET C 114 -19.59 5.00 0.62
C MET C 114 -20.70 3.97 0.40
N THR C 115 -21.67 4.28 -0.46
CA THR C 115 -22.75 3.33 -0.74
C THR C 115 -22.74 2.80 -2.17
N TYR C 116 -22.34 3.64 -3.12
CA TYR C 116 -22.43 3.29 -4.54
C TYR C 116 -21.08 2.92 -5.14
N GLY C 117 -21.12 2.24 -6.29
CA GLY C 117 -19.94 2.03 -7.11
C GLY C 117 -18.91 1.12 -6.47
N GLU C 118 -17.72 1.64 -6.26
CA GLU C 118 -16.66 0.97 -5.52
C GLU C 118 -16.45 1.73 -4.20
N PRO C 119 -17.31 1.46 -3.22
CA PRO C 119 -17.43 2.34 -2.05
C PRO C 119 -16.12 2.65 -1.33
N LEU C 120 -15.96 3.93 -0.99
CA LEU C 120 -14.89 4.34 -0.10
C LEU C 120 -15.02 3.67 1.26
N THR C 121 -13.90 3.32 1.86
CA THR C 121 -13.84 2.94 3.27
C THR C 121 -14.00 4.19 4.12
N THR C 122 -14.26 4.03 5.42
CA THR C 122 -14.39 5.20 6.28
C THR C 122 -13.04 5.91 6.38
N GLU C 123 -11.96 5.13 6.32
CA GLU C 123 -10.62 5.67 6.33
C GLU C 123 -10.40 6.59 5.13
N GLU C 124 -10.81 6.11 3.96
CA GLU C 124 -10.69 6.89 2.74
C GLU C 124 -11.54 8.14 2.79
N PHE C 125 -12.81 7.99 3.17
CA PHE C 125 -13.69 9.13 3.21
C PHE C 125 -13.20 10.19 4.19
N ASN C 126 -12.71 9.76 5.34
CA ASN C 126 -12.26 10.69 6.36
C ASN C 126 -11.08 11.52 5.87
N ALA C 127 -10.12 10.85 5.24
CA ALA C 127 -8.98 11.53 4.64
C ALA C 127 -9.45 12.52 3.57
N LEU C 128 -10.33 12.06 2.68
CA LEU C 128 -10.86 12.89 1.61
C LEU C 128 -11.52 14.15 2.16
N ALA C 129 -12.37 13.97 3.17
CA ALA C 129 -13.11 15.09 3.75
C ALA C 129 -12.18 16.10 4.41
N ALA C 130 -11.19 15.61 5.14
CA ALA C 130 -10.27 16.49 5.84
C ALA C 130 -9.49 17.38 4.87
N GLU C 131 -9.12 16.82 3.72
CA GLU C 131 -8.25 17.50 2.78
C GLU C 131 -8.99 18.31 1.73
N TYR C 132 -10.23 17.94 1.41
CA TYR C 132 -10.95 18.57 0.30
C TYR C 132 -12.32 19.16 0.66
N PHE C 133 -12.79 18.93 1.89
CA PHE C 133 -14.04 19.55 2.33
C PHE C 133 -13.75 20.62 3.38
N THR C 134 -14.28 21.82 3.14
CA THR C 134 -14.05 22.96 4.02
C THR C 134 -15.23 23.19 4.97
N SER C 135 -16.42 22.78 4.56
CA SER C 135 -17.62 22.97 5.37
C SER C 135 -18.69 21.93 5.04
N ASP C 136 -19.87 22.08 5.64
CA ASP C 136 -20.94 21.13 5.46
C ASP C 136 -21.53 21.22 4.05
N GLN C 137 -21.41 22.39 3.41
CA GLN C 137 -21.89 22.57 2.05
C GLN C 137 -20.75 22.35 1.07
N ILE C 138 -20.90 21.33 0.22
CA ILE C 138 -19.84 20.97 -0.71
C ILE C 138 -20.26 21.32 -2.13
N ASP C 139 -19.48 22.21 -2.73
CA ASP C 139 -19.65 22.53 -4.14
C ASP C 139 -19.04 21.40 -4.95
N TYR C 140 -19.88 20.56 -5.55
CA TYR C 140 -19.36 19.33 -6.16
C TYR C 140 -18.72 19.59 -7.51
N ARG C 141 -19.13 20.65 -8.20
CA ARG C 141 -18.46 21.03 -9.44
C ARG C 141 -17.00 21.38 -9.17
N GLN C 142 -16.77 22.14 -8.11
CA GLN C 142 -15.42 22.51 -7.71
C GLN C 142 -14.66 21.29 -7.20
N PHE C 143 -15.39 20.40 -6.53
CA PHE C 143 -14.82 19.15 -6.04
C PHE C 143 -14.35 18.26 -7.20
N CYS C 144 -15.24 18.02 -8.15
CA CYS C 144 -14.91 17.15 -9.28
C CYS C 144 -13.74 17.67 -10.10
N LYS C 145 -13.66 18.97 -10.30
CA LYS C 145 -12.57 19.51 -11.10
C LYS C 145 -11.26 19.34 -10.32
N ALA C 146 -11.30 19.48 -9.01
CA ALA C 146 -10.14 19.20 -8.18
C ALA C 146 -9.75 17.72 -8.27
N MET C 147 -10.74 16.84 -8.40
CA MET C 147 -10.48 15.41 -8.49
C MET C 147 -9.90 15.01 -9.84
N LEU C 148 -10.38 15.62 -10.92
CA LEU C 148 -9.89 15.26 -12.26
C LEU C 148 -8.49 15.78 -12.60
N GLU C 149 -8.07 16.89 -12.00
CA GLU C 149 -6.83 17.52 -12.45
C GLU C 149 -5.57 16.77 -11.98
N ALA C 150 -4.45 17.14 -12.57
CA ALA C 150 -3.16 16.51 -12.31
C ALA C 150 -2.75 16.63 -10.85
N THR D 6 -23.98 4.94 -12.14
CA THR D 6 -23.01 4.33 -11.24
C THR D 6 -21.60 4.40 -11.81
N PRO D 7 -21.42 4.15 -13.13
CA PRO D 7 -20.06 4.17 -13.68
C PRO D 7 -19.28 5.44 -13.38
N PHE D 8 -19.96 6.59 -13.36
CA PHE D 8 -19.26 7.86 -13.17
C PHE D 8 -18.97 8.13 -11.70
N ILE D 9 -19.75 7.51 -10.81
CA ILE D 9 -19.40 7.54 -9.39
C ILE D 9 -18.12 6.73 -9.20
N ILE D 10 -18.02 5.60 -9.89
CA ILE D 10 -16.81 4.78 -9.85
C ILE D 10 -15.61 5.56 -10.38
N ARG D 11 -15.80 6.32 -11.46
CA ARG D 11 -14.71 7.13 -11.97
C ARG D 11 -14.33 8.19 -10.94
N ALA D 12 -15.31 8.76 -10.26
CA ALA D 12 -15.03 9.74 -9.22
C ALA D 12 -14.24 9.11 -8.08
N GLN D 13 -14.64 7.91 -7.68
CA GLN D 13 -13.98 7.20 -6.61
C GLN D 13 -12.54 6.86 -7.01
N ALA D 14 -12.35 6.54 -8.27
CA ALA D 14 -11.00 6.22 -8.78
C ALA D 14 -10.10 7.46 -8.74
N HIS D 15 -10.63 8.60 -9.14
CA HIS D 15 -9.85 9.83 -9.09
C HIS D 15 -9.60 10.30 -7.65
N ILE D 16 -10.60 10.14 -6.78
CA ILE D 16 -10.37 10.35 -5.35
C ILE D 16 -9.17 9.52 -4.87
N ARG D 17 -9.15 8.25 -5.24
CA ARG D 17 -8.09 7.36 -4.79
C ARG D 17 -6.74 7.76 -5.40
N ARG D 18 -6.75 8.30 -6.62
CA ARG D 18 -5.50 8.82 -7.19
C ARG D 18 -4.93 9.91 -6.30
N HIS D 19 -5.80 10.79 -5.80
CA HIS D 19 -5.35 11.93 -5.01
C HIS D 19 -5.00 11.58 -3.57
N LEU D 20 -5.46 10.41 -3.11
CA LEU D 20 -5.14 9.95 -1.77
C LEU D 20 -3.95 8.99 -1.77
N VAL D 21 -3.27 8.87 -2.91
CA VAL D 21 -2.28 7.81 -3.07
C VAL D 21 -1.15 7.92 -2.04
N ASP D 22 -0.79 9.14 -1.64
CA ASP D 22 0.28 9.33 -0.66
C ASP D 22 -0.21 9.25 0.80
N ASN D 23 -1.50 9.04 1.00
CA ASN D 23 -2.08 9.01 2.34
C ASN D 23 -2.04 7.64 3.04
N ASN D 24 -1.68 6.58 2.31
CA ASN D 24 -1.83 5.19 2.79
C ASN D 24 -3.16 4.97 3.48
N VAL D 25 -4.25 5.11 2.73
CA VAL D 25 -5.57 4.87 3.26
C VAL D 25 -6.34 3.87 2.40
N SER D 26 -5.94 3.70 1.14
CA SER D 26 -6.75 2.91 0.22
C SER D 26 -6.44 1.42 0.35
N PRO D 27 -7.50 0.59 0.39
CA PRO D 27 -7.32 -0.86 0.49
C PRO D 27 -6.91 -1.50 -0.83
N ALA D 28 -6.48 -2.75 -0.78
CA ALA D 28 -6.09 -3.46 -1.98
C ALA D 28 -7.30 -3.99 -2.70
N THR D 29 -8.39 -4.16 -1.96
CA THR D 29 -9.61 -4.74 -2.50
C THR D 29 -10.83 -4.02 -1.95
N VAL D 30 -11.88 -3.96 -2.77
CA VAL D 30 -13.12 -3.29 -2.44
C VAL D 30 -14.27 -4.21 -2.86
N GLN D 31 -15.25 -4.39 -1.98
CA GLN D 31 -16.48 -5.09 -2.35
C GLN D 31 -17.36 -4.10 -3.10
N PRO D 32 -17.58 -4.33 -4.41
CA PRO D 32 -18.38 -3.32 -5.13
C PRO D 32 -19.81 -3.30 -4.61
N ALA D 33 -20.48 -2.15 -4.71
CA ALA D 33 -21.81 -1.99 -4.14
C ALA D 33 -22.81 -2.94 -4.80
#